data_5BPY
#
_entry.id   5BPY
#
_cell.length_a   64.110
_cell.length_b   45.170
_cell.length_c   99.200
_cell.angle_alpha   90.000
_cell.angle_beta   93.910
_cell.angle_gamma   90.000
#
_symmetry.space_group_name_H-M   'P 1 21 1'
#
loop_
_entity.id
_entity.type
_entity.pdbx_description
1 polymer 'Tyrosine-protein kinase BTK'
2 non-polymer 6-{(3R)-3-[(4-tert-butylbenzoyl)amino]piperidin-1-yl}-2-{[4-(morpholin-4-ylcarbonyl)phenyl]amino}pyridine-3-carboxamide
3 water water
#
_entity_poly.entity_id   1
_entity_poly.type   'polypeptide(L)'
_entity_poly.pdbx_seq_one_letter_code
;GHMEIDPKDLTFLKELGTGQFGVVKYGKWRGQYDVAIKMIKEGSMSEDEFIEEAKVMMNLSHEKLVQLYGVCTKQRPIFI
ITEYMANGCLLNYLREMRHRFQTQQLLEMCKDVCEAMEYLESKQFLHRDLAARNCLVNDQGVVKVSDFGLSRYVLDDEYT
SSVGSKFPVRWSPPEVLMYSKFSSKSDIWAFGVLMWEIYSLGKMPYERFTNSETAEHIAQGLRLYRPHLASEKVYTIMYS
CWHEKADERPTFKILLSNILDVMDEES
;
_entity_poly.pdbx_strand_id   A,B
#
loop_
_chem_comp.id
_chem_comp.type
_chem_comp.name
_chem_comp.formula
4UQ non-polymer 6-{(3R)-3-[(4-tert-butylbenzoyl)amino]piperidin-1-yl}-2-{[4-(morpholin-4-ylcarbonyl)phenyl]amino}pyridine-3-carboxamide 'C33 H40 N6 O4'
#
# COMPACT_ATOMS: atom_id res chain seq x y z
N MET A 3 -18.05 9.78 6.13
CA MET A 3 -16.79 9.47 5.49
C MET A 3 -16.61 7.97 5.25
N GLU A 4 -17.00 7.14 6.21
CA GLU A 4 -16.87 5.69 6.16
C GLU A 4 -18.01 5.07 5.36
N ILE A 5 -17.67 4.28 4.34
CA ILE A 5 -18.66 3.58 3.52
C ILE A 5 -18.63 2.11 3.88
N ASP A 6 -19.80 1.53 4.14
CA ASP A 6 -19.93 0.10 4.44
C ASP A 6 -19.71 -0.65 3.13
N PRO A 7 -18.83 -1.68 3.10
CA PRO A 7 -18.61 -2.44 1.85
C PRO A 7 -19.87 -3.17 1.35
N LYS A 8 -20.87 -3.37 2.23
CA LYS A 8 -22.18 -3.99 1.89
C LYS A 8 -22.98 -3.05 0.96
N ASP A 9 -22.62 -1.75 0.95
CA ASP A 9 -23.24 -0.73 0.11
C ASP A 9 -22.47 -0.50 -1.21
N LEU A 10 -21.54 -1.40 -1.53
CA LEU A 10 -20.74 -1.35 -2.75
C LEU A 10 -20.86 -2.61 -3.55
N THR A 11 -20.65 -2.45 -4.84
CA THR A 11 -20.63 -3.49 -5.83
C THR A 11 -19.32 -3.30 -6.55
N PHE A 12 -18.50 -4.34 -6.60
CA PHE A 12 -17.20 -4.29 -7.23
C PHE A 12 -17.40 -4.95 -8.56
N LEU A 13 -16.96 -4.28 -9.63
CA LEU A 13 -17.14 -4.78 -11.00
C LEU A 13 -15.81 -4.72 -11.77
N LYS A 14 -15.86 -4.48 -13.10
CA LYS A 14 -14.72 -4.40 -14.00
C LYS A 14 -13.53 -3.60 -13.46
N GLU A 15 -12.32 -3.97 -13.87
CA GLU A 15 -11.13 -3.25 -13.48
C GLU A 15 -10.97 -2.10 -14.44
N LEU A 16 -10.60 -0.93 -13.92
CA LEU A 16 -10.41 0.26 -14.73
C LEU A 16 -8.96 0.38 -15.11
N GLY A 17 -8.08 -0.09 -14.22
CA GLY A 17 -6.64 -0.06 -14.43
C GLY A 17 -5.86 -0.06 -13.14
N THR A 18 -4.62 0.44 -13.20
CA THR A 18 -3.74 0.49 -12.04
C THR A 18 -3.37 1.94 -11.69
N GLY A 19 -3.46 2.23 -10.39
CA GLY A 19 -3.08 3.49 -9.79
C GLY A 19 -1.79 3.32 -9.01
N GLN A 20 -1.42 4.34 -8.24
CA GLN A 20 -0.21 4.37 -7.42
C GLN A 20 -0.28 3.39 -6.23
N PHE A 21 -1.47 3.18 -5.66
CA PHE A 21 -1.61 2.29 -4.50
C PHE A 21 -2.16 0.90 -4.88
N GLY A 22 -2.39 0.68 -6.17
CA GLY A 22 -2.91 -0.58 -6.66
C GLY A 22 -4.02 -0.46 -7.67
N VAL A 23 -4.78 -1.52 -7.82
CA VAL A 23 -5.88 -1.66 -8.78
C VAL A 23 -7.09 -0.72 -8.46
N VAL A 24 -7.65 -0.14 -9.53
CA VAL A 24 -8.83 0.72 -9.51
C VAL A 24 -9.93 -0.04 -10.23
N LYS A 25 -11.09 -0.16 -9.59
CA LYS A 25 -12.21 -0.86 -10.17
C LYS A 25 -13.39 0.08 -10.35
N TYR A 26 -14.29 -0.26 -11.29
CA TYR A 26 -15.56 0.44 -11.49
C TYR A 26 -16.55 -0.30 -10.59
N GLY A 27 -17.53 0.42 -10.03
CA GLY A 27 -18.57 -0.20 -9.22
C GLY A 27 -19.80 0.66 -9.00
N LYS A 28 -20.75 0.18 -8.19
CA LYS A 28 -21.94 0.93 -7.83
C LYS A 28 -22.04 1.09 -6.31
N TRP A 29 -22.47 2.27 -5.85
CA TRP A 29 -22.62 2.64 -4.45
C TRP A 29 -24.11 2.86 -4.17
N ARG A 30 -24.63 2.17 -3.11
CA ARG A 30 -26.02 2.19 -2.65
C ARG A 30 -27.01 1.79 -3.77
N GLY A 31 -26.53 0.90 -4.64
CA GLY A 31 -27.24 0.37 -5.80
C GLY A 31 -27.62 1.38 -6.86
N GLN A 32 -27.13 2.64 -6.76
CA GLN A 32 -27.52 3.72 -7.67
C GLN A 32 -26.37 4.49 -8.36
N TYR A 33 -25.28 4.77 -7.65
CA TYR A 33 -24.21 5.60 -8.20
C TYR A 33 -23.00 4.89 -8.70
N ASP A 34 -22.51 5.33 -9.87
CA ASP A 34 -21.27 4.88 -10.49
C ASP A 34 -20.14 5.40 -9.61
N VAL A 35 -19.14 4.56 -9.34
CA VAL A 35 -17.99 4.93 -8.53
C VAL A 35 -16.73 4.31 -9.07
N ALA A 36 -15.59 4.91 -8.70
CA ALA A 36 -14.26 4.37 -8.92
C ALA A 36 -13.83 3.92 -7.50
N ILE A 37 -13.48 2.66 -7.37
CA ILE A 37 -13.08 2.08 -6.08
C ILE A 37 -11.60 1.81 -6.19
N LYS A 38 -10.80 2.58 -5.47
CA LYS A 38 -9.35 2.47 -5.51
C LYS A 38 -8.87 1.54 -4.39
N MET A 39 -8.28 0.39 -4.76
CA MET A 39 -7.77 -0.54 -3.75
C MET A 39 -6.37 -0.12 -3.33
N ILE A 40 -6.16 0.07 -2.02
CA ILE A 40 -4.85 0.46 -1.47
C ILE A 40 -4.19 -0.82 -0.95
N LYS A 41 -3.22 -1.39 -1.72
CA LYS A 41 -2.49 -2.61 -1.35
C LYS A 41 -1.89 -2.40 0.03
N GLU A 42 -2.04 -3.39 0.91
CA GLU A 42 -1.51 -3.34 2.27
C GLU A 42 0.02 -3.18 2.15
N GLY A 43 0.53 -2.12 2.78
CA GLY A 43 1.95 -1.79 2.82
C GLY A 43 2.43 -0.68 1.90
N SER A 44 1.52 -0.18 1.02
CA SER A 44 1.83 0.87 0.00
C SER A 44 1.63 2.32 0.50
N MET A 45 0.78 2.48 1.53
CA MET A 45 0.41 3.79 2.08
C MET A 45 0.57 3.88 3.59
N SER A 46 0.88 5.10 4.10
CA SER A 46 0.88 5.33 5.55
C SER A 46 -0.59 5.69 5.85
N GLU A 47 -1.37 4.64 6.14
CA GLU A 47 -2.83 4.64 6.31
C GLU A 47 -3.35 5.53 7.43
N ASP A 48 -2.73 5.50 8.63
CA ASP A 48 -3.17 6.33 9.77
C ASP A 48 -3.15 7.81 9.46
N GLU A 49 -2.08 8.26 8.77
CA GLU A 49 -1.91 9.66 8.35
C GLU A 49 -2.93 10.01 7.24
N PHE A 50 -3.20 9.08 6.29
CA PHE A 50 -4.17 9.31 5.22
C PHE A 50 -5.59 9.46 5.77
N ILE A 51 -6.00 8.52 6.64
CA ILE A 51 -7.33 8.47 7.26
C ILE A 51 -7.68 9.79 8.01
N GLU A 52 -6.69 10.49 8.61
CA GLU A 52 -6.91 11.80 9.23
C GLU A 52 -7.12 12.91 8.20
N GLU A 53 -6.28 12.94 7.14
CA GLU A 53 -6.40 13.94 6.08
C GLU A 53 -7.67 13.70 5.23
N ALA A 54 -8.14 12.42 5.14
CA ALA A 54 -9.36 12.07 4.38
C ALA A 54 -10.60 12.90 4.80
N LYS A 55 -10.64 13.37 6.08
CA LYS A 55 -11.69 14.20 6.67
C LYS A 55 -11.74 15.59 6.00
N VAL A 56 -10.56 16.17 5.76
CA VAL A 56 -10.30 17.48 5.14
C VAL A 56 -10.62 17.39 3.65
N MET A 57 -10.16 16.29 3.00
CA MET A 57 -10.34 16.00 1.59
C MET A 57 -11.81 15.78 1.21
N MET A 58 -12.60 15.21 2.14
CA MET A 58 -14.04 14.97 2.03
C MET A 58 -14.74 16.32 1.76
N ASN A 59 -14.21 17.40 2.37
CA ASN A 59 -14.71 18.78 2.28
C ASN A 59 -14.25 19.53 1.03
N LEU A 60 -13.28 18.98 0.28
CA LEU A 60 -12.80 19.59 -0.97
C LEU A 60 -13.85 19.25 -2.02
N SER A 61 -14.60 20.25 -2.47
CA SER A 61 -15.67 19.99 -3.42
C SER A 61 -15.77 21.07 -4.50
N HIS A 62 -15.46 20.67 -5.72
CA HIS A 62 -15.49 21.56 -6.88
C HIS A 62 -15.80 20.74 -8.11
N GLU A 63 -16.48 21.33 -9.08
CA GLU A 63 -16.88 20.65 -10.31
C GLU A 63 -15.70 20.21 -11.18
N LYS A 64 -14.51 20.80 -11.02
CA LYS A 64 -13.36 20.40 -11.83
C LYS A 64 -12.36 19.54 -11.00
N LEU A 65 -12.79 19.08 -9.83
CA LEU A 65 -12.03 18.19 -8.94
C LEU A 65 -12.76 16.87 -8.94
N VAL A 66 -12.03 15.73 -9.06
CA VAL A 66 -12.63 14.39 -8.96
C VAL A 66 -13.08 14.22 -7.47
N GLN A 67 -14.38 14.10 -7.25
CA GLN A 67 -14.98 14.04 -5.92
C GLN A 67 -14.68 12.76 -5.13
N LEU A 68 -14.20 12.95 -3.90
CA LEU A 68 -13.99 11.90 -2.92
C LEU A 68 -15.35 11.63 -2.25
N TYR A 69 -15.88 10.41 -2.39
CA TYR A 69 -17.18 10.06 -1.82
C TYR A 69 -17.03 9.47 -0.42
N GLY A 70 -15.95 8.74 -0.20
CA GLY A 70 -15.69 8.08 1.07
C GLY A 70 -14.58 7.07 1.05
N VAL A 71 -14.41 6.37 2.17
CA VAL A 71 -13.37 5.34 2.39
C VAL A 71 -13.92 4.10 3.07
N CYS A 72 -13.26 2.94 2.87
CA CYS A 72 -13.59 1.67 3.54
C CYS A 72 -12.34 1.31 4.29
N THR A 73 -12.33 1.48 5.62
CA THR A 73 -11.14 1.27 6.43
C THR A 73 -11.32 0.25 7.59
N LYS A 74 -12.51 -0.37 7.72
CA LYS A 74 -12.76 -1.35 8.79
C LYS A 74 -12.06 -2.68 8.48
N GLN A 75 -11.67 -2.89 7.21
CA GLN A 75 -10.98 -4.09 6.74
C GLN A 75 -9.83 -3.72 5.82
N ARG A 76 -8.79 -4.58 5.76
CA ARG A 76 -7.67 -4.41 4.85
C ARG A 76 -7.84 -5.39 3.68
N PRO A 77 -7.45 -5.02 2.44
CA PRO A 77 -6.92 -3.73 2.00
C PRO A 77 -8.01 -2.65 2.06
N ILE A 78 -7.61 -1.41 2.41
CA ILE A 78 -8.60 -0.33 2.48
C ILE A 78 -8.95 0.16 1.05
N PHE A 79 -10.08 0.87 0.91
CA PHE A 79 -10.57 1.43 -0.33
C PHE A 79 -10.84 2.93 -0.26
N ILE A 80 -10.60 3.66 -1.39
CA ILE A 80 -10.91 5.08 -1.59
C ILE A 80 -12.01 5.06 -2.67
N ILE A 81 -13.19 5.64 -2.36
CA ILE A 81 -14.37 5.65 -3.24
C ILE A 81 -14.50 7.03 -3.85
N THR A 82 -14.46 7.11 -5.19
CA THR A 82 -14.51 8.41 -5.85
C THR A 82 -15.54 8.51 -6.97
N GLU A 83 -15.68 9.72 -7.51
CA GLU A 83 -16.50 10.05 -8.66
C GLU A 83 -15.95 9.26 -9.87
N TYR A 84 -16.84 8.65 -10.64
CA TYR A 84 -16.50 7.86 -11.82
C TYR A 84 -16.29 8.77 -13.04
N MET A 85 -15.17 8.62 -13.74
CA MET A 85 -14.79 9.44 -14.90
C MET A 85 -14.72 8.54 -16.13
N ALA A 86 -15.86 8.40 -16.84
CA ALA A 86 -16.08 7.46 -17.96
C ALA A 86 -15.04 7.49 -19.08
N ASN A 87 -14.33 8.62 -19.35
CA ASN A 87 -13.32 8.64 -20.43
C ASN A 87 -11.89 8.37 -19.93
N GLY A 88 -11.77 8.11 -18.63
CA GLY A 88 -10.50 7.79 -17.99
C GLY A 88 -9.45 8.86 -18.04
N CYS A 89 -8.20 8.40 -17.94
CA CYS A 89 -6.93 9.12 -17.93
C CYS A 89 -6.82 10.21 -19.05
N LEU A 90 -6.46 11.47 -18.68
CA LEU A 90 -6.30 12.57 -19.64
C LEU A 90 -5.18 12.30 -20.65
N LEU A 91 -4.04 11.75 -20.20
CA LEU A 91 -2.89 11.44 -21.06
C LEU A 91 -3.22 10.50 -22.22
N ASN A 92 -3.95 9.41 -21.93
CA ASN A 92 -4.41 8.45 -22.91
C ASN A 92 -5.45 9.08 -23.83
N TYR A 93 -6.29 9.97 -23.29
CA TYR A 93 -7.34 10.68 -24.03
C TYR A 93 -6.72 11.64 -25.07
N LEU A 94 -5.61 12.32 -24.70
CA LEU A 94 -4.90 13.23 -25.61
C LEU A 94 -4.23 12.47 -26.75
N ARG A 95 -3.75 11.26 -26.46
CA ARG A 95 -3.01 10.40 -27.38
C ARG A 95 -3.91 9.62 -28.35
N GLU A 96 -5.20 9.49 -28.02
CA GLU A 96 -6.18 8.77 -28.83
C GLU A 96 -6.41 9.47 -30.15
N MET A 97 -5.82 8.85 -31.21
CA MET A 97 -5.84 9.25 -32.63
C MET A 97 -7.26 9.37 -33.24
N ARG A 98 -8.26 8.69 -32.64
CA ARG A 98 -9.69 8.73 -33.00
C ARG A 98 -10.22 10.17 -32.88
N HIS A 99 -9.68 10.93 -31.88
CA HIS A 99 -10.03 12.33 -31.57
C HIS A 99 -9.26 13.34 -32.45
N ARG A 100 -9.91 14.47 -32.78
CA ARG A 100 -9.31 15.59 -33.51
C ARG A 100 -9.54 16.86 -32.70
N PHE A 101 -8.58 17.19 -31.85
CA PHE A 101 -8.71 18.36 -30.99
C PHE A 101 -8.41 19.67 -31.68
N GLN A 102 -9.36 20.59 -31.54
CA GLN A 102 -9.25 21.97 -31.98
C GLN A 102 -8.48 22.71 -30.91
N THR A 103 -7.68 23.69 -31.32
CA THR A 103 -6.85 24.53 -30.45
C THR A 103 -7.70 25.12 -29.29
N GLN A 104 -9.02 25.35 -29.54
CA GLN A 104 -10.01 25.91 -28.62
C GLN A 104 -10.34 24.90 -27.53
N GLN A 105 -10.42 23.61 -27.90
CA GLN A 105 -10.71 22.51 -26.97
C GLN A 105 -9.50 22.28 -26.07
N LEU A 106 -8.27 22.50 -26.60
CA LEU A 106 -7.07 22.32 -25.80
C LEU A 106 -6.98 23.39 -24.70
N LEU A 107 -7.35 24.64 -25.03
CA LEU A 107 -7.39 25.75 -24.08
C LEU A 107 -8.46 25.53 -23.00
N GLU A 108 -9.61 24.98 -23.39
CA GLU A 108 -10.75 24.65 -22.52
C GLU A 108 -10.34 23.57 -21.47
N MET A 109 -9.47 22.62 -21.87
CA MET A 109 -8.91 21.57 -21.00
C MET A 109 -8.03 22.19 -19.91
N CYS A 110 -7.20 23.18 -20.31
CA CYS A 110 -6.30 23.97 -19.46
C CYS A 110 -7.13 24.77 -18.47
N LYS A 111 -8.24 25.41 -18.96
CA LYS A 111 -9.17 26.17 -18.14
C LYS A 111 -9.80 25.28 -17.07
N ASP A 112 -10.20 24.05 -17.44
CA ASP A 112 -10.78 23.07 -16.51
C ASP A 112 -9.85 22.76 -15.34
N VAL A 113 -8.60 22.39 -15.63
CA VAL A 113 -7.56 22.06 -14.67
C VAL A 113 -7.22 23.27 -13.80
N CYS A 114 -7.13 24.45 -14.43
CA CYS A 114 -6.82 25.71 -13.76
C CYS A 114 -7.87 26.10 -12.73
N GLU A 115 -9.16 25.87 -13.04
CA GLU A 115 -10.27 26.19 -12.14
C GLU A 115 -10.17 25.33 -10.88
N ALA A 116 -9.92 24.01 -11.04
CA ALA A 116 -9.74 23.05 -9.93
C ALA A 116 -8.54 23.40 -9.08
N MET A 117 -7.44 23.79 -9.73
CA MET A 117 -6.18 24.17 -9.09
C MET A 117 -6.30 25.48 -8.32
N GLU A 118 -7.11 26.43 -8.83
CA GLU A 118 -7.35 27.70 -8.16
C GLU A 118 -8.19 27.41 -6.91
N TYR A 119 -9.13 26.46 -7.02
CA TYR A 119 -9.94 26.02 -5.88
C TYR A 119 -9.05 25.41 -4.77
N LEU A 120 -8.10 24.53 -5.13
CA LEU A 120 -7.17 23.87 -4.19
C LEU A 120 -6.25 24.87 -3.52
N GLU A 121 -5.76 25.85 -4.30
CA GLU A 121 -4.89 26.95 -3.85
C GLU A 121 -5.67 27.78 -2.82
N SER A 122 -6.96 28.09 -3.12
CA SER A 122 -7.85 28.88 -2.26
C SER A 122 -8.09 28.23 -0.88
N LYS A 123 -7.92 26.90 -0.79
CA LYS A 123 -8.07 26.11 0.42
C LYS A 123 -6.73 25.68 0.99
N GLN A 124 -5.63 26.29 0.51
CA GLN A 124 -4.23 26.01 0.87
C GLN A 124 -3.90 24.51 0.81
N PHE A 125 -4.46 23.82 -0.19
CA PHE A 125 -4.26 22.40 -0.38
C PHE A 125 -3.38 22.17 -1.60
N LEU A 126 -2.21 21.52 -1.40
CA LEU A 126 -1.31 21.23 -2.52
C LEU A 126 -1.63 19.89 -3.12
N HIS A 127 -1.53 19.81 -4.47
CA HIS A 127 -1.70 18.56 -5.21
C HIS A 127 -0.45 17.70 -4.94
N ARG A 128 0.74 18.24 -5.28
CA ARG A 128 2.09 17.68 -5.15
C ARG A 128 2.44 16.75 -6.32
N ASP A 129 1.44 16.29 -7.11
CA ASP A 129 1.74 15.42 -8.27
C ASP A 129 0.80 15.74 -9.47
N LEU A 130 0.66 17.02 -9.83
CA LEU A 130 -0.16 17.41 -10.98
C LEU A 130 0.55 17.05 -12.32
N ALA A 131 -0.14 16.27 -13.16
CA ALA A 131 0.27 15.79 -14.49
C ALA A 131 -0.94 15.23 -15.21
N ALA A 132 -0.94 15.19 -16.57
CA ALA A 132 -2.03 14.64 -17.39
C ALA A 132 -2.40 13.21 -16.96
N ARG A 133 -1.41 12.39 -16.57
CA ARG A 133 -1.65 11.02 -16.08
C ARG A 133 -2.50 11.01 -14.78
N ASN A 134 -2.51 12.15 -14.02
CA ASN A 134 -3.25 12.34 -12.76
C ASN A 134 -4.52 13.20 -12.91
N CYS A 135 -4.98 13.34 -14.15
CA CYS A 135 -6.20 14.02 -14.55
C CYS A 135 -7.08 13.01 -15.21
N LEU A 136 -8.39 13.22 -15.10
CA LEU A 136 -9.37 12.30 -15.64
C LEU A 136 -10.41 13.05 -16.46
N VAL A 137 -11.07 12.36 -17.37
CA VAL A 137 -12.05 12.94 -18.29
C VAL A 137 -13.40 12.21 -18.09
N ASN A 138 -14.49 12.97 -17.99
CA ASN A 138 -15.82 12.40 -17.81
C ASN A 138 -16.52 12.19 -19.16
N ASP A 139 -17.73 11.58 -19.15
CA ASP A 139 -18.50 11.31 -20.39
C ASP A 139 -18.72 12.56 -21.26
N GLN A 140 -18.77 13.77 -20.67
CA GLN A 140 -18.94 15.05 -21.34
C GLN A 140 -17.65 15.67 -21.91
N GLY A 141 -16.49 15.03 -21.68
CA GLY A 141 -15.22 15.56 -22.17
C GLY A 141 -14.62 16.63 -21.27
N VAL A 142 -15.16 16.77 -20.05
CA VAL A 142 -14.68 17.72 -19.04
C VAL A 142 -13.50 17.05 -18.32
N VAL A 143 -12.39 17.77 -18.21
CA VAL A 143 -11.19 17.34 -17.51
C VAL A 143 -11.26 17.71 -16.01
N LYS A 144 -10.97 16.78 -15.11
CA LYS A 144 -10.97 17.03 -13.66
C LYS A 144 -9.66 16.58 -13.03
N VAL A 145 -9.19 17.28 -11.98
CA VAL A 145 -7.94 16.88 -11.35
C VAL A 145 -8.21 15.78 -10.29
N SER A 146 -7.33 14.77 -10.27
CA SER A 146 -7.45 13.59 -9.42
C SER A 146 -6.19 13.38 -8.56
N ASP A 147 -6.30 12.53 -7.52
CA ASP A 147 -5.21 12.15 -6.59
C ASP A 147 -4.45 13.33 -5.98
N PHE A 148 -5.16 14.41 -5.66
CA PHE A 148 -4.61 15.60 -5.04
C PHE A 148 -4.21 15.25 -3.59
N GLY A 149 -2.96 15.56 -3.26
CA GLY A 149 -2.37 15.36 -1.94
C GLY A 149 -2.12 13.94 -1.51
N LEU A 150 -2.19 12.97 -2.43
CA LEU A 150 -1.98 11.56 -2.08
C LEU A 150 -0.54 11.13 -2.07
N SER A 151 0.32 11.78 -2.87
CA SER A 151 1.75 11.42 -2.96
C SER A 151 2.47 11.47 -1.58
N ARG A 152 1.96 12.29 -0.64
CA ARG A 152 2.44 12.46 0.74
C ARG A 152 2.43 11.14 1.54
N TYR A 153 1.47 10.25 1.24
CA TYR A 153 1.28 9.00 1.97
C TYR A 153 1.89 7.76 1.31
N VAL A 154 2.61 7.94 0.16
CA VAL A 154 3.29 6.86 -0.55
C VAL A 154 4.51 6.38 0.29
N LEU A 155 4.62 5.05 0.50
CA LEU A 155 5.70 4.46 1.30
C LEU A 155 6.96 4.12 0.48
N ASP A 156 6.80 3.83 -0.80
CA ASP A 156 7.90 3.54 -1.71
C ASP A 156 8.81 4.77 -1.92
N ASP A 157 10.07 4.66 -1.46
CA ASP A 157 11.10 5.72 -1.52
C ASP A 157 11.51 6.10 -2.94
N GLU A 158 11.27 5.21 -3.92
CA GLU A 158 11.55 5.47 -5.33
C GLU A 158 10.62 6.52 -5.94
N TYR A 159 9.43 6.71 -5.32
CA TYR A 159 8.42 7.69 -5.70
C TYR A 159 8.64 8.99 -4.90
N THR A 160 8.99 8.83 -3.62
CA THR A 160 9.08 9.85 -2.59
C THR A 160 10.39 10.70 -2.63
N SER A 161 11.55 10.09 -2.87
CA SER A 161 12.81 10.84 -2.91
C SER A 161 13.03 11.52 -4.27
N SER A 162 13.43 12.81 -4.27
CA SER A 162 13.69 13.60 -5.49
C SER A 162 14.81 13.01 -6.41
N VAL A 163 15.45 11.90 -5.99
CA VAL A 163 16.49 11.19 -6.75
C VAL A 163 16.03 9.74 -7.14
N GLY A 164 14.80 9.40 -6.77
CA GLY A 164 14.18 8.11 -7.07
C GLY A 164 13.77 7.99 -8.52
N SER A 165 13.82 6.74 -9.05
CA SER A 165 13.48 6.40 -10.44
C SER A 165 12.01 6.61 -10.79
N LYS A 166 11.16 6.78 -9.78
CA LYS A 166 9.71 6.96 -9.98
C LYS A 166 9.22 8.38 -9.62
N PHE A 167 10.09 9.24 -9.05
CA PHE A 167 9.79 10.62 -8.66
C PHE A 167 9.40 11.48 -9.89
N PRO A 168 8.38 12.37 -9.80
CA PRO A 168 7.97 13.14 -10.99
C PRO A 168 8.85 14.37 -11.29
N VAL A 169 10.12 14.10 -11.70
CA VAL A 169 11.15 15.12 -11.97
C VAL A 169 10.74 16.08 -13.09
N ARG A 170 10.15 15.54 -14.18
CA ARG A 170 9.75 16.29 -15.37
C ARG A 170 8.62 17.31 -15.13
N TRP A 171 7.94 17.24 -13.96
CA TRP A 171 6.87 18.16 -13.54
C TRP A 171 7.31 19.00 -12.33
N SER A 172 8.59 18.90 -11.93
CA SER A 172 9.09 19.55 -10.72
C SER A 172 9.97 20.80 -10.91
N PRO A 173 9.71 21.86 -10.11
CA PRO A 173 10.58 23.06 -10.18
C PRO A 173 11.97 22.82 -9.54
N PRO A 174 12.99 23.68 -9.79
CA PRO A 174 14.32 23.46 -9.18
C PRO A 174 14.34 23.36 -7.65
N GLU A 175 13.53 24.19 -6.92
CA GLU A 175 13.49 24.12 -5.44
C GLU A 175 12.92 22.79 -4.93
N VAL A 176 12.09 22.09 -5.74
CA VAL A 176 11.59 20.75 -5.36
C VAL A 176 12.70 19.72 -5.62
N LEU A 177 13.34 19.77 -6.81
CA LEU A 177 14.42 18.84 -7.19
C LEU A 177 15.60 18.92 -6.21
N MET A 178 15.99 20.13 -5.84
CA MET A 178 17.12 20.37 -4.97
C MET A 178 16.82 20.30 -3.48
N TYR A 179 15.66 20.83 -3.02
CA TYR A 179 15.38 20.94 -1.59
C TYR A 179 14.07 20.37 -1.07
N SER A 180 13.27 19.69 -1.93
CA SER A 180 11.93 19.17 -1.57
C SER A 180 11.01 20.31 -1.04
N LYS A 181 11.18 21.54 -1.59
CA LYS A 181 10.39 22.68 -1.16
C LYS A 181 9.08 22.81 -1.97
N PHE A 182 8.02 22.17 -1.43
CA PHE A 182 6.68 22.15 -1.99
C PHE A 182 5.85 23.34 -1.52
N SER A 183 5.21 24.02 -2.47
CA SER A 183 4.33 25.16 -2.23
C SER A 183 3.32 25.22 -3.37
N SER A 184 2.40 26.20 -3.33
CA SER A 184 1.42 26.41 -4.41
C SER A 184 2.15 26.72 -5.73
N LYS A 185 3.39 27.29 -5.59
CA LYS A 185 4.28 27.68 -6.69
C LYS A 185 4.97 26.47 -7.34
N SER A 186 5.03 25.31 -6.64
CA SER A 186 5.56 24.07 -7.23
C SER A 186 4.42 23.38 -8.04
N ASP A 187 3.15 23.58 -7.65
CA ASP A 187 1.96 23.10 -8.38
C ASP A 187 1.79 23.93 -9.65
N ILE A 188 2.10 25.27 -9.57
CA ILE A 188 2.08 26.22 -10.68
C ILE A 188 3.02 25.73 -11.78
N TRP A 189 4.28 25.32 -11.42
CA TRP A 189 5.28 24.78 -12.34
C TRP A 189 4.71 23.55 -13.05
N ALA A 190 4.18 22.57 -12.28
CA ALA A 190 3.56 21.33 -12.75
C ALA A 190 2.39 21.60 -13.71
N PHE A 191 1.60 22.67 -13.46
CA PHE A 191 0.48 23.09 -14.31
C PHE A 191 1.00 23.58 -15.69
N GLY A 192 2.13 24.26 -15.72
CA GLY A 192 2.74 24.72 -16.95
C GLY A 192 3.19 23.55 -17.81
N VAL A 193 3.81 22.52 -17.17
CA VAL A 193 4.24 21.27 -17.83
C VAL A 193 2.99 20.53 -18.36
N LEU A 194 1.90 20.53 -17.58
CA LEU A 194 0.61 19.92 -17.91
C LEU A 194 -0.01 20.60 -19.15
N MET A 195 0.11 21.94 -19.26
CA MET A 195 -0.35 22.73 -20.41
C MET A 195 0.42 22.32 -21.66
N TRP A 196 1.76 22.07 -21.53
CA TRP A 196 2.65 21.62 -22.61
C TRP A 196 2.21 20.23 -23.05
N GLU A 197 1.84 19.35 -22.09
CA GLU A 197 1.35 17.99 -22.36
C GLU A 197 0.07 18.05 -23.18
N ILE A 198 -0.83 19.00 -22.88
CA ILE A 198 -2.08 19.18 -23.60
C ILE A 198 -1.79 19.66 -25.05
N TYR A 199 -1.01 20.76 -25.18
CA TYR A 199 -0.67 21.36 -26.48
C TYR A 199 0.25 20.52 -27.37
N SER A 200 1.00 19.58 -26.79
CA SER A 200 1.89 18.67 -27.56
C SER A 200 1.15 17.34 -27.86
N LEU A 201 -0.11 17.22 -27.39
CA LEU A 201 -1.02 16.08 -27.53
C LEU A 201 -0.51 14.80 -26.84
N GLY A 202 -0.02 14.97 -25.63
CA GLY A 202 0.44 13.85 -24.82
C GLY A 202 1.86 13.40 -25.02
N LYS A 203 2.78 14.26 -25.51
CA LYS A 203 4.20 13.89 -25.64
C LYS A 203 4.78 13.82 -24.23
N MET A 204 5.83 13.02 -24.04
CA MET A 204 6.49 12.93 -22.75
C MET A 204 7.39 14.16 -22.64
N PRO A 205 7.32 14.96 -21.55
CA PRO A 205 8.21 16.14 -21.45
C PRO A 205 9.68 15.75 -21.39
N TYR A 206 10.55 16.53 -22.07
CA TYR A 206 12.01 16.30 -22.12
C TYR A 206 12.31 14.87 -22.64
N GLU A 207 11.66 14.50 -23.75
CA GLU A 207 11.82 13.20 -24.41
C GLU A 207 13.30 13.11 -24.87
N ARG A 208 13.97 11.98 -24.54
CA ARG A 208 15.39 11.69 -24.81
C ARG A 208 16.31 12.27 -23.75
N PHE A 209 15.73 12.68 -22.63
CA PHE A 209 16.47 13.15 -21.46
C PHE A 209 16.08 12.17 -20.37
N THR A 210 17.01 11.88 -19.47
CA THR A 210 16.72 11.05 -18.30
C THR A 210 16.35 12.06 -17.20
N ASN A 211 15.82 11.57 -16.07
CA ASN A 211 15.46 12.45 -14.94
C ASN A 211 16.65 13.27 -14.48
N SER A 212 17.85 12.67 -14.49
CA SER A 212 19.05 13.39 -14.07
C SER A 212 19.40 14.50 -15.05
N GLU A 213 19.26 14.23 -16.37
CA GLU A 213 19.52 15.19 -17.44
C GLU A 213 18.48 16.30 -17.46
N THR A 214 17.20 15.96 -17.19
CA THR A 214 16.11 16.94 -17.14
C THR A 214 16.39 17.96 -16.01
N ALA A 215 16.77 17.44 -14.83
CA ALA A 215 17.07 18.23 -13.63
C ALA A 215 18.23 19.17 -13.96
N GLU A 216 19.18 18.69 -14.80
CA GLU A 216 20.34 19.46 -15.26
C GLU A 216 19.98 20.50 -16.33
N HIS A 217 19.02 20.17 -17.21
CA HIS A 217 18.50 21.05 -18.26
C HIS A 217 17.83 22.27 -17.64
N ILE A 218 17.02 22.04 -16.59
CA ILE A 218 16.30 23.04 -15.79
C ILE A 218 17.30 23.99 -15.11
N ALA A 219 18.33 23.44 -14.43
CA ALA A 219 19.40 24.19 -13.75
C ALA A 219 20.14 25.15 -14.69
N GLN A 220 20.31 24.74 -15.97
CA GLN A 220 20.94 25.53 -17.03
C GLN A 220 20.00 26.67 -17.49
N GLY A 221 18.78 26.70 -16.95
CA GLY A 221 17.75 27.71 -17.21
C GLY A 221 16.90 27.38 -18.42
N LEU A 222 17.03 26.15 -18.92
CA LEU A 222 16.36 25.67 -20.11
C LEU A 222 15.01 25.07 -19.79
N ARG A 223 14.11 25.13 -20.78
CA ARG A 223 12.70 24.82 -20.62
C ARG A 223 12.12 24.05 -21.79
N LEU A 224 10.84 23.67 -21.69
CA LEU A 224 10.15 22.98 -22.77
C LEU A 224 9.86 23.94 -23.91
N TYR A 225 10.10 23.47 -25.16
CA TYR A 225 9.89 24.26 -26.38
C TYR A 225 8.41 24.56 -26.58
N ARG A 226 8.09 25.59 -27.39
CA ARG A 226 6.72 25.92 -27.69
C ARG A 226 6.09 24.85 -28.59
N PRO A 227 5.00 24.16 -28.16
CA PRO A 227 4.33 23.20 -29.05
C PRO A 227 3.74 23.99 -30.24
N HIS A 228 3.76 23.47 -31.48
CA HIS A 228 3.26 24.27 -32.61
C HIS A 228 1.72 24.60 -32.54
N LEU A 229 0.89 23.79 -31.81
CA LEU A 229 -0.52 24.12 -31.62
C LEU A 229 -0.73 25.31 -30.67
N ALA A 230 0.30 25.63 -29.87
CA ALA A 230 0.26 26.77 -28.95
C ALA A 230 0.66 28.07 -29.68
N SER A 231 -0.14 29.11 -29.51
CA SER A 231 0.17 30.44 -30.02
C SER A 231 1.20 31.09 -29.06
N GLU A 232 1.73 32.25 -29.43
CA GLU A 232 2.68 33.03 -28.65
C GLU A 232 2.09 33.35 -27.25
N LYS A 233 0.82 33.75 -27.22
CA LYS A 233 0.07 34.08 -26.01
C LYS A 233 -0.15 32.88 -25.08
N VAL A 234 -0.43 31.70 -25.67
CA VAL A 234 -0.59 30.43 -24.93
C VAL A 234 0.79 30.00 -24.36
N TYR A 235 1.86 30.19 -25.14
CA TYR A 235 3.20 29.86 -24.67
C TYR A 235 3.68 30.76 -23.55
N THR A 236 3.34 32.07 -23.57
CA THR A 236 3.67 33.02 -22.50
C THR A 236 3.03 32.56 -21.18
N ILE A 237 1.78 32.08 -21.24
CA ILE A 237 1.06 31.54 -20.07
C ILE A 237 1.81 30.32 -19.48
N MET A 238 2.08 29.25 -20.28
CA MET A 238 2.75 28.06 -19.71
C MET A 238 4.19 28.35 -19.28
N TYR A 239 4.89 29.19 -20.03
CA TYR A 239 6.25 29.61 -19.70
C TYR A 239 6.33 30.41 -18.40
N SER A 240 5.30 31.21 -18.08
CA SER A 240 5.27 32.03 -16.86
C SER A 240 5.33 31.15 -15.59
N CYS A 241 4.86 29.90 -15.72
CA CYS A 241 4.82 28.87 -14.69
C CYS A 241 6.21 28.37 -14.35
N TRP A 242 7.16 28.55 -15.28
CA TRP A 242 8.51 27.99 -15.17
C TRP A 242 9.62 28.97 -14.76
N HIS A 243 9.28 30.07 -14.08
CA HIS A 243 10.28 31.03 -13.60
C HIS A 243 11.19 30.37 -12.58
N GLU A 244 12.49 30.71 -12.63
CA GLU A 244 13.53 30.21 -11.71
C GLU A 244 13.16 30.60 -10.24
N LYS A 245 12.65 31.83 -10.07
CA LYS A 245 12.20 32.36 -8.78
C LYS A 245 10.73 31.98 -8.61
N ALA A 246 10.43 31.09 -7.63
CA ALA A 246 9.08 30.65 -7.28
C ALA A 246 8.13 31.86 -7.10
N ASP A 247 8.66 32.95 -6.51
CA ASP A 247 7.94 34.22 -6.23
C ASP A 247 7.47 34.97 -7.48
N GLU A 248 8.21 34.85 -8.58
CA GLU A 248 7.90 35.53 -9.85
C GLU A 248 6.88 34.76 -10.69
N ARG A 249 6.51 33.53 -10.27
CA ARG A 249 5.53 32.68 -10.97
C ARG A 249 4.11 33.10 -10.58
N PRO A 250 3.14 33.07 -11.51
CA PRO A 250 1.79 33.54 -11.17
C PRO A 250 1.04 32.68 -10.15
N THR A 251 -0.18 33.10 -9.78
CA THR A 251 -1.08 32.32 -8.92
C THR A 251 -2.07 31.66 -9.89
N PHE A 252 -2.90 30.72 -9.42
CA PHE A 252 -3.89 30.08 -10.30
C PHE A 252 -5.03 31.05 -10.68
N LYS A 253 -5.24 32.11 -9.88
CA LYS A 253 -6.20 33.18 -10.16
C LYS A 253 -5.69 34.00 -11.37
N ILE A 254 -4.40 34.38 -11.36
CA ILE A 254 -3.76 35.11 -12.46
C ILE A 254 -3.79 34.26 -13.74
N LEU A 255 -3.48 32.96 -13.61
CA LEU A 255 -3.50 32.01 -14.72
C LEU A 255 -4.88 31.86 -15.34
N LEU A 256 -5.94 31.73 -14.51
CA LEU A 256 -7.31 31.58 -15.02
C LEU A 256 -7.75 32.82 -15.81
N SER A 257 -7.47 34.01 -15.27
CA SER A 257 -7.76 35.30 -15.89
C SER A 257 -7.02 35.45 -17.23
N ASN A 258 -5.73 35.03 -17.28
CA ASN A 258 -4.93 35.04 -18.51
C ASN A 258 -5.48 34.10 -19.55
N ILE A 259 -5.90 32.87 -19.15
CA ILE A 259 -6.49 31.86 -20.03
C ILE A 259 -7.83 32.39 -20.59
N LEU A 260 -8.68 32.97 -19.70
CA LEU A 260 -9.98 33.54 -20.10
C LEU A 260 -9.79 34.69 -21.10
N ASP A 261 -8.74 35.49 -20.91
CA ASP A 261 -8.40 36.60 -21.81
C ASP A 261 -8.00 36.09 -23.20
N VAL A 262 -7.18 35.02 -23.28
CA VAL A 262 -6.77 34.50 -24.57
C VAL A 262 -7.93 33.78 -25.29
N MET A 263 -8.89 33.14 -24.57
CA MET A 263 -10.00 32.53 -25.29
C MET A 263 -11.02 33.59 -25.77
N ASP A 264 -11.00 34.81 -25.18
CA ASP A 264 -11.84 35.92 -25.65
C ASP A 264 -11.24 36.43 -26.99
N GLU A 265 -9.89 36.50 -27.06
CA GLU A 265 -9.12 36.95 -28.23
C GLU A 265 -9.15 35.95 -29.40
N MET B 3 2.91 -19.56 36.30
CA MET B 3 2.10 -19.01 35.22
C MET B 3 1.63 -17.59 35.51
N GLU B 4 1.15 -17.32 36.73
CA GLU B 4 0.66 -16.01 37.12
C GLU B 4 1.81 -15.08 37.51
N ILE B 5 1.87 -13.90 36.89
CA ILE B 5 2.89 -12.90 37.19
C ILE B 5 2.22 -11.74 37.94
N ASP B 6 2.82 -11.32 39.05
CA ASP B 6 2.32 -10.19 39.82
C ASP B 6 2.66 -8.92 39.02
N PRO B 7 1.69 -7.99 38.78
CA PRO B 7 2.02 -6.75 38.04
C PRO B 7 3.05 -5.86 38.73
N LYS B 8 3.27 -6.07 40.06
CA LYS B 8 4.27 -5.35 40.86
C LYS B 8 5.69 -5.75 40.42
N ASP B 9 5.82 -6.91 39.72
CA ASP B 9 7.07 -7.45 39.19
C ASP B 9 7.30 -7.05 37.72
N LEU B 10 6.49 -6.10 37.22
CA LEU B 10 6.60 -5.59 35.86
C LEU B 10 6.79 -4.08 35.84
N THR B 11 7.49 -3.59 34.80
CA THR B 11 7.66 -2.18 34.52
C THR B 11 7.24 -1.92 33.09
N PHE B 12 6.75 -0.72 32.83
CA PHE B 12 6.27 -0.29 31.51
C PHE B 12 7.19 0.84 31.10
N LEU B 13 8.01 0.57 30.07
CA LEU B 13 9.07 1.48 29.66
C LEU B 13 8.88 2.18 28.31
N LYS B 14 8.14 1.54 27.38
CA LYS B 14 7.99 2.04 26.01
C LYS B 14 6.81 1.37 25.34
N GLU B 15 6.12 2.06 24.40
CA GLU B 15 5.04 1.45 23.63
C GLU B 15 5.69 0.87 22.40
N LEU B 16 5.40 -0.40 22.10
CA LEU B 16 6.02 -1.09 20.97
C LEU B 16 5.25 -0.94 19.67
N GLY B 17 3.94 -1.08 19.79
CA GLY B 17 3.00 -0.94 18.70
C GLY B 17 1.63 -1.41 19.11
N THR B 18 0.81 -1.70 18.09
CA THR B 18 -0.56 -2.16 18.26
C THR B 18 -0.76 -3.54 17.63
N GLY B 19 -1.39 -4.39 18.41
CA GLY B 19 -1.74 -5.74 17.99
C GLY B 19 -3.24 -5.84 17.81
N GLN B 20 -3.73 -7.08 17.65
CA GLN B 20 -5.13 -7.42 17.47
C GLN B 20 -5.92 -7.19 18.75
N PHE B 21 -5.29 -7.39 19.93
CA PHE B 21 -5.96 -7.21 21.22
C PHE B 21 -5.64 -5.89 21.93
N GLY B 22 -4.88 -5.04 21.25
CA GLY B 22 -4.52 -3.72 21.77
C GLY B 22 -3.04 -3.42 21.73
N VAL B 23 -2.62 -2.46 22.56
CA VAL B 23 -1.24 -2.02 22.68
C VAL B 23 -0.30 -3.10 23.28
N VAL B 24 0.91 -3.18 22.73
CA VAL B 24 1.98 -4.04 23.20
C VAL B 24 3.06 -3.07 23.69
N LYS B 25 3.56 -3.29 24.91
CA LYS B 25 4.59 -2.42 25.48
C LYS B 25 5.85 -3.20 25.84
N TYR B 26 7.00 -2.54 25.85
CA TYR B 26 8.27 -3.13 26.26
C TYR B 26 8.41 -2.83 27.76
N GLY B 27 8.99 -3.76 28.49
CA GLY B 27 9.20 -3.59 29.91
C GLY B 27 10.25 -4.51 30.47
N LYS B 28 10.28 -4.56 31.78
CA LYS B 28 11.20 -5.36 32.53
C LYS B 28 10.42 -6.20 33.53
N TRP B 29 10.79 -7.47 33.59
CA TRP B 29 10.17 -8.42 34.50
C TRP B 29 11.21 -8.75 35.57
N ARG B 30 10.80 -8.64 36.87
CA ARG B 30 11.63 -8.89 38.08
C ARG B 30 12.90 -8.04 38.09
N GLY B 31 12.80 -6.84 37.52
CA GLY B 31 13.86 -5.85 37.40
C GLY B 31 15.06 -6.28 36.57
N GLN B 32 14.94 -7.39 35.83
CA GLN B 32 16.08 -7.91 35.06
C GLN B 32 15.83 -8.32 33.61
N TYR B 33 14.66 -8.90 33.31
CA TYR B 33 14.43 -9.45 31.96
C TYR B 33 13.59 -8.60 31.06
N ASP B 34 14.02 -8.47 29.80
CA ASP B 34 13.29 -7.80 28.73
C ASP B 34 12.05 -8.63 28.44
N VAL B 35 10.89 -7.97 28.34
CA VAL B 35 9.61 -8.64 28.08
C VAL B 35 8.73 -7.79 27.19
N ALA B 36 7.82 -8.44 26.47
CA ALA B 36 6.77 -7.79 25.70
C ALA B 36 5.51 -8.02 26.55
N ILE B 37 4.82 -6.93 26.90
CA ILE B 37 3.63 -6.98 27.74
C ILE B 37 2.43 -6.64 26.86
N LYS B 38 1.60 -7.66 26.56
CA LYS B 38 0.42 -7.47 25.72
C LYS B 38 -0.73 -7.13 26.63
N MET B 39 -1.25 -5.93 26.47
CA MET B 39 -2.36 -5.40 27.25
C MET B 39 -3.66 -5.57 26.44
N ILE B 40 -4.47 -6.57 26.82
CA ILE B 40 -5.73 -6.91 26.13
C ILE B 40 -6.85 -5.91 26.50
N LYS B 41 -7.40 -5.22 25.47
CA LYS B 41 -8.51 -4.25 25.64
C LYS B 41 -9.78 -4.99 26.01
N GLY B 43 -13.17 -6.17 25.93
CA GLY B 43 -14.16 -6.55 24.93
C GLY B 43 -13.62 -7.09 23.62
N SER B 44 -12.27 -7.22 23.50
CA SER B 44 -11.58 -7.71 22.30
C SER B 44 -11.36 -9.24 22.29
N MET B 45 -11.31 -9.87 23.47
CA MET B 45 -11.05 -11.29 23.62
C MET B 45 -12.01 -11.98 24.56
N SER B 46 -12.28 -13.29 24.33
CA SER B 46 -13.08 -14.12 25.24
C SER B 46 -12.06 -14.68 26.24
N GLU B 47 -11.77 -13.86 27.26
CA GLU B 47 -10.77 -14.02 28.31
C GLU B 47 -10.85 -15.32 29.10
N ASP B 48 -12.07 -15.74 29.53
CA ASP B 48 -12.24 -16.98 30.30
C ASP B 48 -11.75 -18.20 29.54
N GLU B 49 -12.06 -18.27 28.22
CA GLU B 49 -11.64 -19.37 27.35
C GLU B 49 -10.12 -19.35 27.16
N PHE B 50 -9.52 -18.15 26.96
CA PHE B 50 -8.08 -18.00 26.81
C PHE B 50 -7.31 -18.43 28.08
N ILE B 51 -7.78 -17.97 29.28
CA ILE B 51 -7.17 -18.27 30.58
C ILE B 51 -7.00 -19.78 30.78
N GLU B 52 -8.02 -20.59 30.41
CA GLU B 52 -7.93 -22.04 30.52
C GLU B 52 -6.83 -22.60 29.58
N GLU B 53 -6.76 -22.06 28.34
CA GLU B 53 -5.80 -22.42 27.29
C GLU B 53 -4.37 -21.92 27.54
N ALA B 54 -4.21 -20.86 28.36
CA ALA B 54 -2.94 -20.22 28.74
C ALA B 54 -1.97 -21.21 29.37
N LYS B 55 -2.50 -22.15 30.18
CA LYS B 55 -1.72 -23.21 30.83
C LYS B 55 -1.16 -24.14 29.77
N VAL B 56 -1.93 -24.42 28.70
CA VAL B 56 -1.51 -25.27 27.59
C VAL B 56 -0.37 -24.60 26.79
N MET B 57 -0.53 -23.29 26.48
CA MET B 57 0.44 -22.46 25.74
C MET B 57 1.73 -22.18 26.51
N MET B 58 1.64 -22.16 27.86
CA MET B 58 2.73 -22.03 28.81
C MET B 58 3.71 -23.19 28.55
N ASN B 59 3.15 -24.39 28.25
CA ASN B 59 3.88 -25.64 28.01
C ASN B 59 4.45 -25.79 26.60
N LEU B 60 4.02 -24.92 25.65
CA LEU B 60 4.56 -24.92 24.29
C LEU B 60 5.91 -24.20 24.36
N SER B 61 6.99 -24.94 24.16
CA SER B 61 8.31 -24.36 24.31
C SER B 61 9.28 -24.85 23.26
N HIS B 62 9.66 -23.94 22.38
CA HIS B 62 10.57 -24.22 21.29
C HIS B 62 11.34 -22.94 20.99
N GLU B 63 12.56 -23.07 20.53
CA GLU B 63 13.40 -21.92 20.25
C GLU B 63 12.90 -21.05 19.09
N LYS B 64 12.05 -21.58 18.21
CA LYS B 64 11.54 -20.80 17.10
C LYS B 64 10.10 -20.34 17.32
N LEU B 65 9.62 -20.50 18.56
CA LEU B 65 8.30 -20.06 19.02
C LEU B 65 8.55 -18.91 19.97
N VAL B 66 7.78 -17.79 19.87
CA VAL B 66 7.89 -16.67 20.82
C VAL B 66 7.37 -17.22 22.17
N GLN B 67 8.26 -17.26 23.17
CA GLN B 67 8.00 -17.81 24.49
C GLN B 67 7.06 -17.00 25.35
N LEU B 68 6.03 -17.70 25.82
CA LEU B 68 5.06 -17.17 26.76
C LEU B 68 5.68 -17.32 28.16
N TYR B 69 5.90 -16.20 28.86
CA TYR B 69 6.50 -16.20 30.19
C TYR B 69 5.47 -16.31 31.30
N GLY B 70 4.29 -15.73 31.04
CA GLY B 70 3.21 -15.73 32.00
C GLY B 70 2.08 -14.81 31.66
N VAL B 71 1.12 -14.74 32.57
CA VAL B 71 -0.10 -13.93 32.44
C VAL B 71 -0.41 -13.17 33.73
N CYS B 72 -1.16 -12.06 33.59
CA CYS B 72 -1.65 -11.26 34.70
C CYS B 72 -3.16 -11.31 34.57
N THR B 73 -3.82 -12.10 35.45
CA THR B 73 -5.26 -12.33 35.43
C THR B 73 -5.86 -12.07 36.80
N ILE B 78 -6.50 -8.07 31.30
CA ILE B 78 -5.52 -9.16 31.23
C ILE B 78 -4.21 -8.72 30.53
N PHE B 79 -3.07 -9.30 30.98
CA PHE B 79 -1.74 -9.10 30.39
C PHE B 79 -1.15 -10.45 30.00
N ILE B 80 -0.55 -10.51 28.81
CA ILE B 80 0.17 -11.69 28.33
C ILE B 80 1.63 -11.21 28.29
N ILE B 81 2.52 -11.89 29.01
CA ILE B 81 3.95 -11.55 29.14
C ILE B 81 4.76 -12.49 28.29
N THR B 82 5.52 -11.94 27.33
CA THR B 82 6.27 -12.79 26.41
C THR B 82 7.73 -12.42 26.24
N GLU B 83 8.44 -13.27 25.49
CA GLU B 83 9.81 -13.10 25.07
C GLU B 83 9.86 -11.80 24.19
N TYR B 84 10.84 -10.94 24.47
CA TYR B 84 11.02 -9.68 23.75
C TYR B 84 11.76 -9.92 22.43
N MET B 85 11.22 -9.42 21.31
CA MET B 85 11.77 -9.61 19.96
C MET B 85 12.15 -8.25 19.40
N ALA B 86 13.42 -7.82 19.64
CA ALA B 86 13.95 -6.47 19.35
C ALA B 86 13.73 -5.95 17.94
N ASN B 87 13.61 -6.82 16.91
CA ASN B 87 13.42 -6.33 15.53
C ASN B 87 11.95 -6.28 15.10
N GLY B 88 11.07 -6.64 16.02
CA GLY B 88 9.64 -6.61 15.81
C GLY B 88 9.12 -7.52 14.71
N CYS B 89 7.98 -7.13 14.16
CA CYS B 89 7.17 -7.72 13.10
C CYS B 89 8.01 -8.18 11.88
N LEU B 90 7.86 -9.47 11.45
CA LEU B 90 8.57 -10.01 10.28
C LEU B 90 8.24 -9.27 9.00
N LEU B 91 6.95 -8.94 8.79
CA LEU B 91 6.49 -8.24 7.58
C LEU B 91 7.19 -6.89 7.36
N ASN B 92 7.29 -6.08 8.41
CA ASN B 92 7.96 -4.78 8.37
C ASN B 92 9.46 -4.97 8.14
N TYR B 93 10.02 -6.03 8.74
CA TYR B 93 11.44 -6.39 8.64
C TYR B 93 11.80 -6.80 7.19
N LEU B 94 10.87 -7.50 6.50
CA LEU B 94 11.12 -7.89 5.11
C LEU B 94 11.02 -6.68 4.16
N ARG B 95 10.21 -5.69 4.53
CA ARG B 95 9.97 -4.49 3.75
C ARG B 95 11.10 -3.47 3.88
N GLU B 96 11.92 -3.57 4.95
CA GLU B 96 13.07 -2.69 5.17
C GLU B 96 14.17 -3.00 4.13
N MET B 97 14.26 -2.17 3.08
CA MET B 97 15.21 -2.28 1.95
C MET B 97 16.71 -2.29 2.35
N ARG B 98 17.03 -1.74 3.55
CA ARG B 98 18.37 -1.67 4.17
C ARG B 98 19.02 -3.07 4.27
N HIS B 99 18.25 -4.11 4.69
CA HIS B 99 18.81 -5.45 4.78
C HIS B 99 18.67 -6.03 3.39
N ARG B 100 19.76 -6.03 2.62
CA ARG B 100 19.76 -6.56 1.27
C ARG B 100 19.90 -8.08 1.39
N PHE B 101 18.81 -8.73 1.87
CA PHE B 101 18.72 -10.16 2.13
C PHE B 101 19.25 -11.04 1.01
N GLN B 102 20.15 -11.94 1.38
CA GLN B 102 20.68 -12.97 0.51
C GLN B 102 19.66 -14.08 0.49
N THR B 103 19.57 -14.74 -0.66
CA THR B 103 18.66 -15.85 -0.93
C THR B 103 18.77 -16.94 0.19
N GLN B 104 19.98 -17.08 0.78
CA GLN B 104 20.32 -18.02 1.84
C GLN B 104 19.65 -17.62 3.16
N GLN B 105 19.58 -16.31 3.42
CA GLN B 105 18.95 -15.76 4.62
C GLN B 105 17.44 -15.91 4.51
N LEU B 106 16.88 -15.84 3.29
CA LEU B 106 15.45 -16.00 3.09
C LEU B 106 15.01 -17.43 3.38
N LEU B 107 15.82 -18.41 2.93
CA LEU B 107 15.58 -19.84 3.19
C LEU B 107 15.67 -20.18 4.68
N GLU B 108 16.64 -19.55 5.37
CA GLU B 108 16.89 -19.70 6.81
C GLU B 108 15.67 -19.20 7.62
N MET B 109 14.99 -18.11 7.14
CA MET B 109 13.76 -17.56 7.73
C MET B 109 12.61 -18.55 7.64
N CYS B 110 12.49 -19.23 6.47
CA CYS B 110 11.50 -20.28 6.16
C CYS B 110 11.73 -21.48 7.07
N LYS B 111 13.02 -21.87 7.23
CA LYS B 111 13.43 -22.98 8.09
C LYS B 111 13.04 -22.69 9.55
N ASP B 112 13.26 -21.43 10.01
CA ASP B 112 12.88 -20.98 11.36
C ASP B 112 11.39 -21.20 11.65
N VAL B 113 10.52 -20.68 10.77
CA VAL B 113 9.06 -20.77 10.85
C VAL B 113 8.60 -22.23 10.76
N CYS B 114 9.22 -22.99 9.84
CA CYS B 114 8.89 -24.40 9.63
C CYS B 114 9.19 -25.28 10.83
N GLU B 115 10.29 -24.97 11.58
CA GLU B 115 10.70 -25.71 12.76
C GLU B 115 9.68 -25.56 13.83
N ALA B 116 9.19 -24.33 14.03
CA ALA B 116 8.17 -23.98 15.02
C ALA B 116 6.87 -24.66 14.66
N MET B 117 6.53 -24.66 13.36
CA MET B 117 5.29 -25.23 12.85
C MET B 117 5.28 -26.74 12.94
N GLU B 118 6.45 -27.38 12.77
CA GLU B 118 6.58 -28.83 12.90
C GLU B 118 6.45 -29.17 14.39
N TYR B 119 7.00 -28.32 15.27
CA TYR B 119 6.87 -28.47 16.72
C TYR B 119 5.38 -28.39 17.14
N LEU B 120 4.63 -27.39 16.61
CA LEU B 120 3.19 -27.19 16.90
C LEU B 120 2.35 -28.34 16.39
N GLU B 121 2.68 -28.85 15.18
CA GLU B 121 2.03 -30.00 14.54
C GLU B 121 2.26 -31.24 15.41
N SER B 122 3.51 -31.43 15.90
CA SER B 122 3.89 -32.56 16.76
C SER B 122 3.11 -32.60 18.09
N LYS B 123 2.57 -31.45 18.53
CA LYS B 123 1.76 -31.30 19.75
C LYS B 123 0.27 -31.13 19.41
N GLN B 124 -0.12 -31.40 18.13
CA GLN B 124 -1.48 -31.23 17.57
C GLN B 124 -2.09 -29.85 17.91
N PHE B 125 -1.25 -28.81 17.85
CA PHE B 125 -1.66 -27.45 18.13
C PHE B 125 -1.67 -26.65 16.81
N LEU B 126 -2.85 -26.10 16.45
CA LEU B 126 -2.99 -25.28 15.24
C LEU B 126 -2.70 -23.82 15.51
N HIS B 127 -2.04 -23.16 14.56
CA HIS B 127 -1.79 -21.73 14.64
C HIS B 127 -3.12 -21.01 14.35
N ARG B 128 -3.75 -21.28 13.17
CA ARG B 128 -5.02 -20.77 12.61
C ARG B 128 -4.89 -19.39 11.94
N ASP B 129 -3.80 -18.67 12.18
CA ASP B 129 -3.56 -17.37 11.55
C ASP B 129 -2.06 -17.15 11.23
N LEU B 130 -1.42 -18.14 10.58
CA LEU B 130 0.00 -18.02 10.22
C LEU B 130 0.18 -17.07 9.04
N ALA B 131 1.01 -16.01 9.25
CA ALA B 131 1.36 -14.97 8.28
C ALA B 131 2.58 -14.22 8.82
N ALA B 132 3.36 -13.56 7.93
CA ALA B 132 4.53 -12.73 8.30
C ALA B 132 4.18 -11.67 9.38
N ARG B 133 2.93 -11.11 9.34
CA ARG B 133 2.42 -10.15 10.33
C ARG B 133 2.30 -10.79 11.72
N ASN B 134 2.27 -12.13 11.79
CA ASN B 134 2.17 -12.90 13.04
C ASN B 134 3.48 -13.60 13.41
N CYS B 135 4.59 -13.13 12.84
CA CYS B 135 5.93 -13.61 13.12
C CYS B 135 6.72 -12.42 13.62
N LEU B 136 7.76 -12.69 14.44
CA LEU B 136 8.60 -11.66 15.04
C LEU B 136 10.07 -12.00 14.84
N VAL B 137 10.94 -10.98 14.90
CA VAL B 137 12.38 -11.10 14.65
C VAL B 137 13.14 -10.58 15.87
N ASN B 138 14.14 -11.32 16.33
CA ASN B 138 14.96 -10.92 17.48
C ASN B 138 16.21 -10.12 17.00
N ASP B 139 17.00 -9.58 17.95
CA ASP B 139 18.21 -8.81 17.65
C ASP B 139 19.19 -9.53 16.73
N GLN B 140 19.21 -10.90 16.76
CA GLN B 140 20.06 -11.77 15.92
C GLN B 140 19.51 -12.04 14.50
N GLY B 141 18.31 -11.59 14.21
CA GLY B 141 17.72 -11.82 12.90
C GLY B 141 17.02 -13.17 12.79
N VAL B 142 16.79 -13.85 13.94
CA VAL B 142 16.09 -15.13 14.00
C VAL B 142 14.59 -14.82 14.01
N VAL B 143 13.85 -15.50 13.13
CA VAL B 143 12.38 -15.37 13.02
C VAL B 143 11.68 -16.39 13.96
N LYS B 144 10.72 -15.94 14.74
CA LYS B 144 9.95 -16.83 15.61
C LYS B 144 8.44 -16.67 15.37
N VAL B 145 7.67 -17.75 15.51
CA VAL B 145 6.22 -17.65 15.29
C VAL B 145 5.56 -17.13 16.60
N SER B 146 4.61 -16.21 16.45
CA SER B 146 3.89 -15.55 17.54
C SER B 146 2.37 -15.73 17.40
N ASP B 147 1.61 -15.46 18.50
CA ASP B 147 0.13 -15.51 18.56
C ASP B 147 -0.49 -16.80 18.00
N PHE B 148 0.18 -17.95 18.25
CA PHE B 148 -0.27 -19.27 17.81
C PHE B 148 -1.52 -19.65 18.60
N GLY B 149 -2.60 -19.99 17.88
CA GLY B 149 -3.90 -20.36 18.45
C GLY B 149 -4.68 -19.25 19.13
N LEU B 150 -4.22 -17.98 18.95
CA LEU B 150 -4.83 -16.79 19.57
C LEU B 150 -6.08 -16.26 18.85
N SER B 151 -6.23 -16.52 17.52
CA SER B 151 -7.38 -16.08 16.70
C SER B 151 -8.72 -16.64 17.18
N ARG B 152 -8.71 -17.82 17.83
CA ARG B 152 -9.86 -18.54 18.41
C ARG B 152 -10.59 -17.66 19.43
N TYR B 153 -9.86 -16.72 20.07
CA TYR B 153 -10.36 -15.86 21.16
C TYR B 153 -10.64 -14.41 20.74
N VAL B 154 -10.67 -14.13 19.43
CA VAL B 154 -10.96 -12.82 18.89
C VAL B 154 -12.47 -12.66 18.81
N LYS B 166 -11.89 -10.47 7.00
CA LYS B 166 -11.79 -10.73 5.56
C LYS B 166 -10.32 -10.78 5.02
N PHE B 167 -9.37 -10.01 5.56
CA PHE B 167 -7.95 -10.02 5.09
C PHE B 167 -7.23 -11.41 5.19
N PRO B 168 -7.35 -12.16 6.34
CA PRO B 168 -6.69 -13.50 6.40
C PRO B 168 -7.17 -14.56 5.37
N VAL B 169 -8.14 -14.24 4.49
CA VAL B 169 -8.59 -15.05 3.34
C VAL B 169 -7.39 -15.39 2.39
N ARG B 170 -6.43 -14.45 2.22
CA ARG B 170 -5.23 -14.58 1.36
C ARG B 170 -4.24 -15.65 1.86
N TRP B 171 -4.42 -16.14 3.11
CA TRP B 171 -3.61 -17.19 3.75
C TRP B 171 -4.45 -18.47 3.98
N SER B 172 -5.69 -18.51 3.49
CA SER B 172 -6.63 -19.62 3.74
C SER B 172 -6.86 -20.60 2.57
N PRO B 173 -6.85 -21.92 2.87
CA PRO B 173 -7.14 -22.92 1.82
C PRO B 173 -8.64 -22.96 1.46
N PRO B 174 -9.03 -23.56 0.31
CA PRO B 174 -10.46 -23.64 -0.05
C PRO B 174 -11.40 -24.26 1.00
N GLU B 175 -10.97 -25.33 1.69
CA GLU B 175 -11.82 -25.97 2.72
C GLU B 175 -12.06 -25.05 3.94
N VAL B 176 -11.16 -24.09 4.20
CA VAL B 176 -11.38 -23.10 5.27
C VAL B 176 -12.38 -22.04 4.76
N LEU B 177 -12.14 -21.52 3.56
CA LEU B 177 -13.00 -20.48 2.95
C LEU B 177 -14.45 -20.97 2.77
N MET B 178 -14.60 -22.21 2.29
CA MET B 178 -15.91 -22.79 2.03
C MET B 178 -16.57 -23.45 3.21
N TYR B 179 -15.82 -24.17 4.09
CA TYR B 179 -16.42 -24.95 5.17
C TYR B 179 -15.90 -24.74 6.58
N SER B 180 -15.00 -23.75 6.82
CA SER B 180 -14.35 -23.49 8.13
C SER B 180 -13.65 -24.76 8.65
N LYS B 181 -13.09 -25.58 7.74
CA LYS B 181 -12.42 -26.81 8.13
C LYS B 181 -10.93 -26.56 8.39
N PHE B 182 -10.62 -26.29 9.68
CA PHE B 182 -9.28 -26.04 10.17
C PHE B 182 -8.57 -27.35 10.56
N SER B 183 -7.33 -27.54 10.10
CA SER B 183 -6.50 -28.70 10.39
C SER B 183 -5.04 -28.28 10.24
N SER B 184 -4.10 -29.20 10.48
CA SER B 184 -2.67 -28.94 10.30
C SER B 184 -2.38 -28.61 8.82
N LYS B 185 -3.25 -29.12 7.91
CA LYS B 185 -3.19 -28.92 6.46
C LYS B 185 -3.63 -27.52 6.03
N SER B 186 -4.40 -26.81 6.90
CA SER B 186 -4.80 -25.42 6.64
C SER B 186 -3.65 -24.47 7.05
N ASP B 187 -2.84 -24.89 8.04
CA ASP B 187 -1.66 -24.17 8.50
C ASP B 187 -0.56 -24.34 7.42
N ILE B 188 -0.53 -25.54 6.75
CA ILE B 188 0.37 -25.92 5.64
C ILE B 188 0.19 -24.92 4.50
N TRP B 189 -1.06 -24.68 4.11
CA TRP B 189 -1.40 -23.71 3.07
C TRP B 189 -0.86 -22.32 3.42
N ALA B 190 -1.19 -21.83 4.65
CA ALA B 190 -0.75 -20.54 5.22
C ALA B 190 0.78 -20.40 5.23
N PHE B 191 1.50 -21.50 5.51
CA PHE B 191 2.97 -21.53 5.51
C PHE B 191 3.54 -21.32 4.10
N GLY B 192 2.87 -21.86 3.07
CA GLY B 192 3.26 -21.68 1.68
C GLY B 192 3.13 -20.22 1.27
N VAL B 193 2.02 -19.57 1.68
CA VAL B 193 1.77 -18.14 1.43
C VAL B 193 2.84 -17.31 2.16
N LEU B 194 3.19 -17.70 3.40
CA LEU B 194 4.19 -17.07 4.25
C LEU B 194 5.60 -17.15 3.59
N MET B 195 5.94 -18.28 2.94
CA MET B 195 7.17 -18.49 2.18
C MET B 195 7.23 -17.51 1.00
N TRP B 196 6.06 -17.29 0.32
CA TRP B 196 5.93 -16.35 -0.81
C TRP B 196 6.16 -14.92 -0.29
N GLU B 197 5.61 -14.60 0.90
CA GLU B 197 5.79 -13.30 1.55
C GLU B 197 7.26 -13.04 1.83
N ILE B 198 8.01 -14.07 2.27
CA ILE B 198 9.44 -13.94 2.55
C ILE B 198 10.22 -13.68 1.24
N TYR B 199 10.01 -14.55 0.23
CA TYR B 199 10.70 -14.47 -1.04
C TYR B 199 10.32 -13.26 -1.90
N SER B 200 9.13 -12.68 -1.69
CA SER B 200 8.67 -11.50 -2.45
C SER B 200 9.03 -10.21 -1.69
N LEU B 201 9.67 -10.37 -0.51
CA LEU B 201 10.11 -9.33 0.43
C LEU B 201 8.94 -8.51 0.99
N GLY B 202 7.89 -9.19 1.39
CA GLY B 202 6.75 -8.55 2.02
C GLY B 202 5.68 -7.98 1.13
N LYS B 203 5.52 -8.47 -0.09
CA LYS B 203 4.42 -8.04 -0.95
C LYS B 203 3.10 -8.59 -0.41
N MET B 204 1.99 -7.92 -0.69
CA MET B 204 0.68 -8.38 -0.27
C MET B 204 0.27 -9.50 -1.23
N PRO B 205 -0.11 -10.71 -0.74
CA PRO B 205 -0.50 -11.79 -1.68
C PRO B 205 -1.76 -11.44 -2.45
N TYR B 206 -1.80 -11.79 -3.75
CA TYR B 206 -2.92 -11.54 -4.69
C TYR B 206 -3.24 -10.03 -4.76
N GLU B 207 -2.18 -9.24 -5.05
CA GLU B 207 -2.12 -7.78 -5.15
C GLU B 207 -3.26 -7.15 -5.94
N ARG B 208 -3.67 -7.77 -7.06
CA ARG B 208 -4.69 -7.26 -7.95
C ARG B 208 -6.08 -7.80 -7.66
N PHE B 209 -6.28 -8.41 -6.48
CA PHE B 209 -7.59 -8.98 -6.17
C PHE B 209 -8.10 -8.54 -4.83
N THR B 210 -9.42 -8.33 -4.72
CA THR B 210 -10.06 -8.00 -3.45
C THR B 210 -10.12 -9.31 -2.63
N ASN B 211 -10.47 -9.24 -1.33
CA ASN B 211 -10.57 -10.40 -0.46
C ASN B 211 -11.59 -11.45 -0.94
N SER B 212 -12.77 -11.01 -1.43
CA SER B 212 -13.82 -11.91 -1.94
C SER B 212 -13.44 -12.54 -3.27
N GLU B 213 -12.74 -11.78 -4.13
CA GLU B 213 -12.27 -12.27 -5.43
C GLU B 213 -11.18 -13.33 -5.25
N THR B 214 -10.31 -13.13 -4.23
CA THR B 214 -9.26 -14.05 -3.87
C THR B 214 -9.88 -15.42 -3.58
N ALA B 215 -10.94 -15.49 -2.74
CA ALA B 215 -11.71 -16.69 -2.38
C ALA B 215 -12.26 -17.44 -3.58
N GLU B 216 -12.99 -16.72 -4.45
CA GLU B 216 -13.59 -17.22 -5.68
C GLU B 216 -12.50 -17.73 -6.65
N HIS B 217 -11.42 -16.95 -6.85
CA HIS B 217 -10.35 -17.28 -7.78
C HIS B 217 -9.41 -18.41 -7.26
N ILE B 218 -9.18 -18.50 -5.95
CA ILE B 218 -8.34 -19.55 -5.35
C ILE B 218 -9.03 -20.91 -5.45
N ALA B 219 -10.38 -20.94 -5.37
CA ALA B 219 -11.14 -22.19 -5.50
C ALA B 219 -11.24 -22.63 -6.99
N GLN B 220 -10.99 -21.70 -7.94
CA GLN B 220 -10.96 -21.94 -9.38
C GLN B 220 -9.52 -22.15 -9.93
N GLY B 221 -8.52 -22.24 -9.05
CA GLY B 221 -7.14 -22.50 -9.47
C GLY B 221 -6.12 -21.39 -9.59
N LEU B 222 -6.43 -20.17 -9.12
CA LEU B 222 -5.43 -19.11 -9.13
C LEU B 222 -4.41 -19.40 -8.00
N ARG B 223 -3.09 -19.36 -8.32
CA ARG B 223 -1.99 -19.50 -7.36
C ARG B 223 -1.03 -18.33 -7.49
N LEU B 224 -0.23 -18.14 -6.42
CA LEU B 224 0.78 -17.09 -6.40
C LEU B 224 1.93 -17.45 -7.32
N TYR B 225 2.42 -16.46 -8.10
CA TYR B 225 3.53 -16.60 -9.03
C TYR B 225 4.85 -16.85 -8.26
N ARG B 226 5.86 -17.38 -8.93
CA ARG B 226 7.16 -17.60 -8.34
C ARG B 226 7.87 -16.26 -8.11
N PRO B 227 8.24 -15.94 -6.86
CA PRO B 227 8.99 -14.69 -6.64
C PRO B 227 10.38 -14.80 -7.27
N HIS B 228 10.93 -13.65 -7.69
CA HIS B 228 12.21 -13.50 -8.35
C HIS B 228 13.38 -14.13 -7.61
N LEU B 229 13.39 -14.01 -6.30
CA LEU B 229 14.47 -14.53 -5.46
C LEU B 229 14.35 -16.02 -5.16
N ALA B 230 13.16 -16.63 -5.41
CA ALA B 230 12.95 -18.07 -5.19
C ALA B 230 13.46 -18.88 -6.37
N SER B 231 14.20 -19.94 -6.08
CA SER B 231 14.67 -20.89 -7.10
C SER B 231 13.49 -21.84 -7.42
N GLU B 232 13.65 -22.68 -8.45
CA GLU B 232 12.67 -23.67 -8.87
C GLU B 232 12.31 -24.61 -7.72
N LYS B 233 13.33 -25.06 -6.97
CA LYS B 233 13.20 -25.96 -5.84
C LYS B 233 12.45 -25.33 -4.66
N VAL B 234 12.69 -24.03 -4.41
CA VAL B 234 12.01 -23.26 -3.36
C VAL B 234 10.53 -23.06 -3.77
N TYR B 235 10.28 -22.80 -5.07
CA TYR B 235 8.92 -22.66 -5.57
C TYR B 235 8.10 -23.95 -5.51
N THR B 236 8.73 -25.10 -5.78
CA THR B 236 8.07 -26.43 -5.67
C THR B 236 7.61 -26.68 -4.23
N ILE B 237 8.44 -26.31 -3.23
CA ILE B 237 8.12 -26.40 -1.82
C ILE B 237 6.89 -25.55 -1.47
N MET B 238 6.90 -24.23 -1.76
CA MET B 238 5.75 -23.39 -1.37
C MET B 238 4.49 -23.76 -2.16
N TYR B 239 4.62 -24.13 -3.44
CA TYR B 239 3.52 -24.56 -4.28
C TYR B 239 2.87 -25.86 -3.78
N SER B 240 3.66 -26.79 -3.21
CA SER B 240 3.14 -28.07 -2.70
C SER B 240 2.12 -27.87 -1.57
N CYS B 241 2.25 -26.72 -0.85
CA CYS B 241 1.39 -26.29 0.23
C CYS B 241 0.01 -25.88 -0.26
N TRP B 242 -0.12 -25.56 -1.57
CA TRP B 242 -1.34 -25.03 -2.16
C TRP B 242 -2.19 -26.01 -2.98
N HIS B 243 -2.08 -27.33 -2.71
CA HIS B 243 -2.88 -28.33 -3.40
C HIS B 243 -4.36 -28.11 -2.99
N GLU B 244 -5.25 -28.11 -3.98
CA GLU B 244 -6.71 -27.96 -3.87
C GLU B 244 -7.22 -28.88 -2.72
N LYS B 245 -6.71 -30.13 -2.68
CA LYS B 245 -7.02 -31.16 -1.70
C LYS B 245 -6.02 -31.17 -0.56
N ALA B 246 -6.56 -31.06 0.64
CA ALA B 246 -5.84 -31.03 1.92
C ALA B 246 -4.98 -32.26 2.16
N ASP B 247 -5.49 -33.46 1.78
CA ASP B 247 -4.82 -34.76 1.89
C ASP B 247 -3.55 -34.88 1.04
N GLU B 248 -3.50 -34.18 -0.12
CA GLU B 248 -2.34 -34.20 -1.03
C GLU B 248 -1.27 -33.19 -0.65
N ARG B 249 -1.50 -32.33 0.37
CA ARG B 249 -0.50 -31.35 0.85
C ARG B 249 0.50 -32.05 1.75
N PRO B 250 1.81 -31.65 1.78
CA PRO B 250 2.77 -32.29 2.72
C PRO B 250 2.48 -31.97 4.20
N THR B 251 3.26 -32.58 5.14
CA THR B 251 3.19 -32.29 6.59
C THR B 251 4.34 -31.33 6.86
N PHE B 252 4.44 -30.73 8.08
CA PHE B 252 5.60 -29.84 8.39
C PHE B 252 6.91 -30.60 8.53
N LYS B 253 6.82 -31.92 8.81
CA LYS B 253 7.96 -32.85 8.86
C LYS B 253 8.54 -32.98 7.47
N ILE B 254 7.69 -33.25 6.48
CA ILE B 254 8.09 -33.37 5.07
C ILE B 254 8.67 -32.03 4.56
N LEU B 255 8.00 -30.91 4.91
CA LEU B 255 8.45 -29.56 4.55
C LEU B 255 9.81 -29.21 5.13
N LEU B 256 10.03 -29.47 6.45
CA LEU B 256 11.33 -29.16 7.08
C LEU B 256 12.47 -29.94 6.45
N SER B 257 12.25 -31.26 6.23
CA SER B 257 13.20 -32.15 5.58
C SER B 257 13.52 -31.66 4.16
N ASN B 258 12.50 -31.22 3.38
CA ASN B 258 12.66 -30.67 2.02
C ASN B 258 13.46 -29.39 2.05
N ILE B 259 13.17 -28.47 2.99
CA ILE B 259 13.88 -27.19 3.15
C ILE B 259 15.36 -27.46 3.53
N LEU B 260 15.61 -28.39 4.51
CA LEU B 260 16.97 -28.76 4.93
C LEU B 260 17.75 -29.39 3.76
N ASP B 261 17.08 -30.18 2.91
CA ASP B 261 17.68 -30.79 1.73
C ASP B 261 18.08 -29.72 0.72
N VAL B 262 17.23 -28.69 0.51
CA VAL B 262 17.51 -27.62 -0.45
C VAL B 262 18.63 -26.69 0.06
N MET B 263 18.77 -26.48 1.37
CA MET B 263 19.88 -25.64 1.82
C MET B 263 21.22 -26.41 1.83
N ASP B 264 21.17 -27.77 1.79
CA ASP B 264 22.38 -28.59 1.64
C ASP B 264 22.86 -28.45 0.17
N GLU B 265 21.91 -28.45 -0.80
CA GLU B 265 22.14 -28.31 -2.23
C GLU B 265 22.60 -26.90 -2.65
C13 4UQ C . -11.85 3.79 -18.47
C16 4UQ C . -12.06 3.01 -19.75
C15 4UQ C . -12.80 5.17 -16.74
C19 4UQ C . -11.48 2.60 -22.08
C20 4UQ C . -11.78 3.46 -23.30
C22 4UQ C . -10.94 5.38 -22.28
C23 4UQ C . -10.62 4.65 -21.00
C11 4UQ C . -10.58 4.30 -16.49
C12 4UQ C . -10.69 3.67 -17.71
C34 4UQ C . -6.95 3.64 -19.19
C27 4UQ C . -6.55 4.65 -15.53
N1 4UQ C . -7.34 4.53 -13.21
N2 4UQ C . -9.46 5.18 -13.91
C3 4UQ C . -8.50 5.25 -12.97
C4 4UQ C . -8.68 5.98 -11.79
C5 4UQ C . -9.89 6.61 -11.59
C6 4UQ C . -10.91 6.54 -12.55
C7 4UQ C . -10.64 5.80 -13.74
C8 4UQ C . -12.23 7.16 -12.24
N9 4UQ C . -11.59 5.70 -14.73
C10 4UQ C . -11.64 5.05 -15.98
C14 4UQ C . -12.90 4.55 -17.97
N17 4UQ C . -11.44 3.43 -20.88
O18 4UQ C . -12.72 1.99 -19.71
O21 4UQ C . -10.84 4.52 -23.41
N24 4UQ C . -12.28 8.09 -11.27
O25 4UQ C . -13.24 6.78 -12.84
C26 4UQ C . -7.17 3.77 -14.45
C28 4UQ C . -5.20 5.15 -15.05
C29 4UQ C . -5.31 5.85 -13.69
C30 4UQ C . -6.06 4.99 -12.69
N31 4UQ C . -6.45 4.00 -16.84
C32 4UQ C . -7.10 4.44 -17.94
O33 4UQ C . -7.80 5.46 -17.93
C35 4UQ C . -6.95 4.32 -20.41
C36 4UQ C . -6.87 3.63 -21.60
C37 4UQ C . -6.77 2.24 -21.63
C38 4UQ C . -6.78 1.57 -20.43
C39 4UQ C . -6.87 2.25 -19.22
C40 4UQ C . -6.66 1.49 -22.97
C41 4UQ C . -5.78 0.23 -22.82
C42 4UQ C . -6.00 2.36 -24.05
C43 4UQ C . -8.03 1.06 -23.46
C13 4UQ D . 9.96 -2.83 17.81
C16 4UQ D . 10.61 -1.57 17.32
C15 4UQ D . 7.99 -4.18 18.20
C19 4UQ D . 11.34 -0.13 15.48
C20 4UQ D . 12.44 -0.34 14.46
C22 4UQ D . 11.75 -2.51 13.99
C23 4UQ D . 10.60 -2.43 14.96
C11 4UQ D . 10.11 -4.86 19.09
C12 4UQ D . 10.71 -3.75 18.53
C34 4UQ D . 6.48 -2.25 14.27
C27 4UQ D . 4.45 -4.80 16.21
N1 4UQ D . 3.72 -5.70 18.38
N2 4UQ D . 5.94 -6.07 18.97
C3 4UQ D . 4.66 -6.51 19.00
C4 4UQ D . 4.31 -7.71 19.65
C5 4UQ D . 5.32 -8.42 20.30
C6 4UQ D . 6.64 -7.95 20.30
C7 4UQ D . 6.91 -6.75 19.58
C8 4UQ D . 7.68 -8.71 21.10
N9 4UQ D . 8.20 -6.26 19.52
C10 4UQ D . 8.75 -5.09 18.93
C14 4UQ D . 8.59 -3.06 17.64
N17 4UQ D . 10.87 -1.43 16.00
O18 4UQ D . 10.82 -0.68 18.11
O21 4UQ D . 12.03 -1.22 13.43
N24 4UQ D . 7.41 -9.96 21.43
O25 4UQ D . 8.71 -8.13 21.44
C26 4UQ D . 4.13 -4.49 17.67
C28 4UQ D . 3.23 -5.42 15.53
C29 4UQ D . 2.71 -6.62 16.31
C30 4UQ D . 2.50 -6.26 17.78
N31 4UQ D . 4.90 -3.64 15.46
C32 4UQ D . 6.13 -3.55 14.94
O33 4UQ D . 6.93 -4.47 15.00
C35 4UQ D . 6.34 -1.03 14.95
C36 4UQ D . 6.73 0.15 14.34
C37 4UQ D . 7.27 0.16 13.06
C38 4UQ D . 7.39 -1.05 12.39
C39 4UQ D . 7.00 -2.23 12.99
C40 4UQ D . 7.70 1.49 12.39
C41 4UQ D . 8.80 1.27 11.35
C42 4UQ D . 8.24 2.48 13.44
C43 4UQ D . 6.49 2.13 11.69
#